data_7KCF
#
_entry.id   7KCF
#
_cell.length_a   68.195
_cell.length_b   94.376
_cell.length_c   116.208
_cell.angle_alpha   90.000
_cell.angle_beta   90.000
_cell.angle_gamma   90.000
#
_symmetry.space_group_name_H-M   'I 2 2 2'
#
loop_
_entity.id
_entity.type
_entity.pdbx_description
1 polymer 'S-adenosylmethionine synthase isoform type-2'
2 non-polymer 6-(4-hydroxyphenyl)-5-methyl-2-phenyl-3-(piperidin-1-yl)pyrazolo[1,5-a]pyrimidin-7(4H)-one
3 non-polymer S-ADENOSYLMETHIONINE
4 non-polymer 1,2-ETHANEDIOL
5 non-polymer GLYCEROL
6 water water
#
_entity_poly.entity_id   1
_entity_poly.type   'polypeptide(L)'
_entity_poly.pdbx_seq_one_letter_code
;SMNGQLNGFHEAFIEEGTFLFTSESVGEGHPDKICDQISDAVLDAHLQQDPDAKVACETVAKTGMILLAGEITSRAAVDY
QKVVREAVKHIGYDDSSKGFDYKTCNVLVALEQQSPDIAQGVHLDRNEEDIGAGDQGLMFGYATDETEECMPLTIVLAHK
LNAKLAELRRNGTLPWLRPDSKTQVTVQYMQDRGAVLPIRVHTIVISVQHDEEVCLDEMRDALKEKVIKAVVPAKYLDED
TIYHLQPSGRFVIGGPQGDAGLTGRKIIVDTYGGWGAHGGGAFSGKDYTKVDRSAAYAARWVAKSLVKGGLCRRVLVQVS
YAIGVSHPLSISIFHYGTSQKSERELLEIVKKNFDLRPGVIVRDLDLKKPIYQRTAAYGHFGRDSFPWEVPKKLKY
;
_entity_poly.pdbx_strand_id   A
#
loop_
_chem_comp.id
_chem_comp.type
_chem_comp.name
_chem_comp.formula
EDO non-polymer 1,2-ETHANEDIOL 'C2 H6 O2'
GOL non-polymer GLYCEROL 'C3 H8 O3'
J4A non-polymer 6-(4-hydroxyphenyl)-5-methyl-2-phenyl-3-(piperidin-1-yl)pyrazolo[1,5-a]pyrimidin-7(4H)-one 'C24 H24 N4 O2'
SAM non-polymer S-ADENOSYLMETHIONINE 'C15 H22 N6 O5 S'
#
# COMPACT_ATOMS: atom_id res chain seq x y z
N GLU A 15 13.66 -12.82 27.42
CA GLU A 15 14.22 -11.64 26.81
C GLU A 15 15.32 -12.04 25.86
N GLU A 16 16.21 -12.98 26.23
CA GLU A 16 17.23 -13.47 25.30
C GLU A 16 16.58 -13.91 24.00
N GLY A 17 17.07 -13.38 22.88
CA GLY A 17 16.55 -13.73 21.59
C GLY A 17 15.37 -12.92 21.14
N THR A 18 14.95 -11.92 21.91
CA THR A 18 13.78 -11.11 21.57
C THR A 18 14.18 -9.68 21.22
N PHE A 19 13.29 -9.00 20.50
CA PHE A 19 13.48 -7.60 20.14
C PHE A 19 12.11 -6.98 19.89
N LEU A 20 12.06 -5.66 19.91
CA LEU A 20 10.85 -4.92 19.60
C LEU A 20 10.89 -4.35 18.19
N PHE A 21 9.73 -4.31 17.54
CA PHE A 21 9.64 -3.66 16.25
C PHE A 21 8.31 -2.97 16.12
N THR A 22 8.31 -1.78 15.51
CA THR A 22 7.14 -0.92 15.40
C THR A 22 6.80 -0.67 13.93
N SER A 23 5.51 -0.77 13.60
CA SER A 23 5.00 -0.33 12.30
C SER A 23 3.77 0.56 12.52
N GLU A 24 3.44 1.37 11.51
CA GLU A 24 2.26 2.22 11.60
C GLU A 24 1.36 1.99 10.38
N SER A 25 0.12 2.46 10.50
CA SER A 25 -0.79 2.53 9.37
C SER A 25 -1.64 3.78 9.53
N VAL A 26 -2.37 4.12 8.49
CA VAL A 26 -3.26 5.29 8.51
C VAL A 26 -4.60 4.95 7.90
N GLY A 27 -5.60 5.73 8.22
CA GLY A 27 -6.94 5.49 7.72
C GLY A 27 -7.20 6.08 6.35
N GLU A 28 -8.42 5.78 5.88
CA GLU A 28 -8.82 6.20 4.55
C GLU A 28 -8.89 7.72 4.42
N GLY A 29 -9.17 8.43 5.51
CA GLY A 29 -9.23 9.87 5.49
C GLY A 29 -7.99 10.58 5.93
N HIS A 30 -6.91 9.84 6.19
CA HIS A 30 -5.64 10.49 6.39
C HIS A 30 -5.29 11.26 5.11
N PRO A 31 -4.81 12.50 5.19
N PRO A 31 -4.86 12.52 5.20
CA PRO A 31 -4.72 13.33 3.96
CA PRO A 31 -4.70 13.32 3.97
C PRO A 31 -3.79 12.77 2.89
C PRO A 31 -3.86 12.64 2.89
N ASP A 32 -2.69 12.11 3.25
CA ASP A 32 -1.84 11.45 2.26
C ASP A 32 -2.59 10.31 1.58
N LYS A 33 -3.31 9.50 2.38
CA LYS A 33 -4.07 8.39 1.83
C LYS A 33 -5.24 8.86 0.99
N ILE A 34 -5.87 10.00 1.32
CA ILE A 34 -6.87 10.58 0.42
C ILE A 34 -6.26 10.75 -0.96
N CYS A 35 -5.06 11.31 -1.01
CA CYS A 35 -4.39 11.57 -2.28
C CYS A 35 -4.08 10.28 -3.03
N ASP A 36 -3.57 9.26 -2.34
CA ASP A 36 -3.35 7.97 -3.00
C ASP A 36 -4.63 7.45 -3.61
N GLN A 37 -5.74 7.49 -2.86
CA GLN A 37 -7.00 6.96 -3.35
C GLN A 37 -7.52 7.75 -4.53
N ILE A 38 -7.41 9.08 -4.51
CA ILE A 38 -7.86 9.89 -5.64
C ILE A 38 -7.00 9.59 -6.87
N SER A 39 -5.68 9.54 -6.70
CA SER A 39 -4.80 9.23 -7.82
C SER A 39 -5.17 7.89 -8.47
N ASP A 40 -5.49 6.87 -7.66
CA ASP A 40 -5.89 5.59 -8.20
C ASP A 40 -7.32 5.57 -8.73
N ALA A 41 -8.22 6.39 -8.20
CA ALA A 41 -9.54 6.56 -8.81
C ALA A 41 -9.41 7.14 -10.20
N VAL A 42 -8.51 8.10 -10.38
CA VAL A 42 -8.27 8.68 -11.69
C VAL A 42 -7.68 7.64 -12.63
N LEU A 43 -6.67 6.89 -12.17
CA LEU A 43 -6.13 5.80 -12.98
C LEU A 43 -7.22 4.84 -13.41
N ASP A 44 -8.03 4.37 -12.46
CA ASP A 44 -9.09 3.40 -12.78
C ASP A 44 -10.05 3.99 -13.80
N ALA A 45 -10.43 5.26 -13.65
CA ALA A 45 -11.37 5.86 -14.58
C ALA A 45 -10.81 5.85 -16.00
N HIS A 46 -9.52 6.15 -16.15
CA HIS A 46 -8.90 6.06 -17.46
C HIS A 46 -8.89 4.64 -17.97
N LEU A 47 -8.48 3.70 -17.14
CA LEU A 47 -8.34 2.31 -17.59
C LEU A 47 -9.67 1.69 -17.98
N GLN A 48 -10.77 2.15 -17.36
CA GLN A 48 -12.09 1.65 -17.73
CA GLN A 48 -12.09 1.65 -17.73
C GLN A 48 -12.38 1.90 -19.20
N GLN A 49 -11.89 3.01 -19.76
CA GLN A 49 -12.11 3.35 -21.16
C GLN A 49 -10.94 3.03 -22.07
N ASP A 50 -9.71 3.09 -21.57
CA ASP A 50 -8.51 2.92 -22.36
C ASP A 50 -7.54 2.05 -21.56
N PRO A 51 -7.54 0.73 -21.78
CA PRO A 51 -6.63 -0.14 -21.03
C PRO A 51 -5.17 0.22 -21.15
N ASP A 52 -4.78 0.95 -22.20
CA ASP A 52 -3.40 1.34 -22.43
C ASP A 52 -3.14 2.79 -22.05
N ALA A 53 -3.99 3.39 -21.24
CA ALA A 53 -3.72 4.76 -20.77
C ALA A 53 -2.37 4.85 -20.08
N LYS A 54 -1.66 5.93 -20.37
CA LYS A 54 -0.42 6.27 -19.69
C LYS A 54 -0.78 7.30 -18.63
N VAL A 55 -0.60 6.96 -17.36
CA VAL A 55 -1.10 7.78 -16.26
C VAL A 55 0.00 7.96 -15.23
N ALA A 56 0.20 9.21 -14.82
CA ALA A 56 1.15 9.61 -13.77
C ALA A 56 0.46 10.75 -13.02
N CYS A 57 -0.50 10.41 -12.18
CA CYS A 57 -1.40 11.41 -11.58
CA CYS A 57 -1.40 11.41 -11.58
C CYS A 57 -1.04 11.60 -10.11
N GLU A 58 -0.48 12.74 -9.77
CA GLU A 58 -0.24 13.10 -8.38
C GLU A 58 -1.44 13.89 -7.89
N THR A 59 -1.78 13.74 -6.61
CA THR A 59 -2.83 14.50 -5.96
C THR A 59 -2.24 15.20 -4.76
N VAL A 60 -2.69 16.44 -4.55
CA VAL A 60 -2.29 17.26 -3.41
C VAL A 60 -3.58 17.71 -2.73
N ALA A 61 -3.61 17.64 -1.41
CA ALA A 61 -4.79 18.03 -0.65
C ALA A 61 -4.41 19.01 0.46
N LYS A 62 -5.15 20.10 0.58
CA LYS A 62 -5.04 21.04 1.69
C LYS A 62 -6.47 21.53 1.94
N THR A 63 -6.67 22.37 2.95
CA THR A 63 -8.00 22.86 3.27
C THR A 63 -8.75 23.25 2.01
N GLY A 64 -9.92 22.63 1.78
CA GLY A 64 -10.79 22.95 0.67
C GLY A 64 -10.29 22.64 -0.71
N MET A 65 -9.16 21.94 -0.88
CA MET A 65 -8.56 21.81 -2.21
C MET A 65 -8.09 20.39 -2.46
N ILE A 66 -8.46 19.87 -3.63
CA ILE A 66 -7.79 18.75 -4.28
C ILE A 66 -7.20 19.29 -5.56
N LEU A 67 -5.89 19.14 -5.75
CA LEU A 67 -5.20 19.48 -6.97
C LEU A 67 -4.69 18.20 -7.61
N LEU A 68 -4.97 18.00 -8.89
CA LEU A 68 -4.35 16.93 -9.67
C LEU A 68 -3.23 17.50 -10.50
N ALA A 69 -2.04 16.91 -10.43
CA ALA A 69 -0.89 17.40 -11.18
C ALA A 69 -0.14 16.21 -11.75
N GLY A 70 0.29 16.30 -13.00
CA GLY A 70 0.98 15.17 -13.58
C GLY A 70 0.70 15.05 -15.07
N GLU A 71 0.82 13.81 -15.55
CA GLU A 71 0.90 13.54 -16.98
C GLU A 71 0.03 12.35 -17.32
N ILE A 72 -0.90 12.57 -18.24
CA ILE A 72 -1.80 11.50 -18.70
C ILE A 72 -1.95 11.62 -20.21
N THR A 73 -1.70 10.51 -20.91
CA THR A 73 -2.04 10.38 -22.32
C THR A 73 -2.96 9.18 -22.45
N SER A 74 -4.17 9.43 -22.93
CA SER A 74 -5.25 8.46 -22.84
C SER A 74 -6.34 8.81 -23.84
N ARG A 75 -6.98 7.77 -24.38
CA ARG A 75 -8.16 7.96 -25.22
C ARG A 75 -9.43 8.17 -24.42
N ALA A 76 -9.38 8.02 -23.11
CA ALA A 76 -10.56 8.15 -22.28
C ALA A 76 -11.00 9.60 -22.21
N ALA A 77 -12.28 9.79 -21.94
CA ALA A 77 -12.86 11.10 -21.62
C ALA A 77 -13.30 10.98 -20.16
N VAL A 78 -12.54 11.60 -19.27
CA VAL A 78 -12.73 11.47 -17.82
C VAL A 78 -13.21 12.79 -17.24
N ASP A 79 -14.25 12.72 -16.40
CA ASP A 79 -14.79 13.88 -15.70
C ASP A 79 -14.08 13.93 -14.34
N TYR A 80 -12.99 14.72 -14.29
CA TYR A 80 -12.16 14.76 -13.08
C TYR A 80 -12.95 15.27 -11.88
N GLN A 81 -13.82 16.25 -12.08
CA GLN A 81 -14.64 16.74 -10.97
C GLN A 81 -15.42 15.62 -10.34
N LYS A 82 -16.09 14.82 -11.16
CA LYS A 82 -16.90 13.72 -10.65
C LYS A 82 -16.04 12.64 -10.00
N VAL A 83 -14.93 12.25 -10.65
CA VAL A 83 -14.10 11.18 -10.11
C VAL A 83 -13.52 11.58 -8.76
N VAL A 84 -13.02 12.80 -8.67
CA VAL A 84 -12.44 13.24 -7.41
C VAL A 84 -13.51 13.31 -6.32
N ARG A 85 -14.64 13.93 -6.62
CA ARG A 85 -15.63 14.16 -5.58
C ARG A 85 -16.24 12.85 -5.13
N GLU A 86 -16.43 11.89 -6.04
CA GLU A 86 -16.96 10.61 -5.62
CA GLU A 86 -16.96 10.61 -5.62
C GLU A 86 -15.98 9.87 -4.72
N ALA A 87 -14.67 9.98 -4.99
CA ALA A 87 -13.69 9.34 -4.10
C ALA A 87 -13.73 9.94 -2.70
N VAL A 88 -13.84 11.26 -2.61
CA VAL A 88 -13.91 11.95 -1.31
C VAL A 88 -15.18 11.59 -0.57
N LYS A 89 -16.29 11.51 -1.29
CA LYS A 89 -17.54 11.05 -0.70
C LYS A 89 -17.39 9.65 -0.11
N HIS A 90 -16.79 8.73 -0.85
CA HIS A 90 -16.58 7.37 -0.35
C HIS A 90 -15.79 7.34 0.95
N ILE A 91 -14.78 8.18 1.04
CA ILE A 91 -13.94 8.24 2.22
C ILE A 91 -14.71 8.73 3.42
N GLY A 92 -15.68 9.64 3.21
CA GLY A 92 -16.56 10.09 4.26
C GLY A 92 -16.53 11.57 4.52
N TYR A 93 -15.80 12.38 3.75
CA TYR A 93 -15.73 13.83 3.98
C TYR A 93 -16.86 14.48 3.22
N ASP A 94 -17.98 14.70 3.91
CA ASP A 94 -19.24 15.11 3.30
C ASP A 94 -19.88 16.28 4.02
N ASP A 95 -19.13 17.06 4.80
CA ASP A 95 -19.73 18.18 5.49
C ASP A 95 -18.66 19.10 6.04
N SER A 96 -18.93 20.41 5.99
CA SER A 96 -17.97 21.38 6.53
C SER A 96 -17.71 21.12 8.00
N SER A 97 -18.64 20.53 8.73
CA SER A 97 -18.39 20.23 10.14
C SER A 97 -17.27 19.22 10.35
N LYS A 98 -16.94 18.39 9.36
CA LYS A 98 -15.89 17.39 9.41
C LYS A 98 -14.58 17.91 8.89
N GLY A 99 -14.57 19.12 8.37
CA GLY A 99 -13.38 19.77 7.90
C GLY A 99 -13.19 19.73 6.40
N PHE A 100 -14.02 18.99 5.67
CA PHE A 100 -13.84 18.79 4.24
C PHE A 100 -15.14 18.22 3.71
N ASP A 101 -15.54 18.66 2.52
CA ASP A 101 -16.80 18.24 1.91
C ASP A 101 -16.61 18.06 0.42
N TYR A 102 -16.85 16.84 -0.06
CA TYR A 102 -16.74 16.56 -1.48
C TYR A 102 -17.68 17.43 -2.31
N LYS A 103 -18.79 17.90 -1.75
CA LYS A 103 -19.77 18.62 -2.55
C LYS A 103 -19.26 20.01 -2.88
N THR A 104 -18.43 20.59 -2.01
CA THR A 104 -18.14 22.02 -2.05
C THR A 104 -16.66 22.36 -2.09
N CYS A 105 -15.76 21.37 -2.09
CA CYS A 105 -14.34 21.64 -2.18
C CYS A 105 -13.96 22.11 -3.58
N ASN A 106 -12.78 22.71 -3.69
CA ASN A 106 -12.18 23.10 -4.95
C ASN A 106 -11.46 21.89 -5.53
N VAL A 107 -11.68 21.61 -6.80
CA VAL A 107 -10.91 20.61 -7.54
C VAL A 107 -10.22 21.36 -8.69
N LEU A 108 -8.90 21.39 -8.65
CA LEU A 108 -8.05 22.07 -9.62
CA LEU A 108 -8.04 22.07 -9.61
C LEU A 108 -7.25 21.02 -10.38
N VAL A 109 -7.08 21.22 -11.70
CA VAL A 109 -6.43 20.24 -12.55
C VAL A 109 -5.26 20.88 -13.31
N ALA A 110 -4.05 20.31 -13.14
CA ALA A 110 -2.83 20.73 -13.85
C ALA A 110 -2.24 19.48 -14.49
N LEU A 111 -2.95 18.94 -15.47
CA LEU A 111 -2.58 17.69 -16.11
C LEU A 111 -2.21 17.97 -17.55
N GLU A 112 -1.10 17.44 -17.98
CA GLU A 112 -0.58 17.56 -19.33
CA GLU A 112 -0.66 17.56 -19.35
C GLU A 112 -0.43 16.17 -19.93
N GLN A 113 -0.16 16.11 -21.22
CA GLN A 113 0.17 14.83 -21.84
C GLN A 113 1.48 14.30 -21.28
N GLN A 114 1.69 12.99 -21.36
CA GLN A 114 2.99 12.42 -21.12
C GLN A 114 4.02 13.05 -22.04
N SER A 115 5.18 13.34 -21.49
CA SER A 115 6.27 13.87 -22.28
C SER A 115 6.49 13.01 -23.53
N PRO A 116 6.53 13.61 -24.72
CA PRO A 116 6.84 12.82 -25.93
CA PRO A 116 6.82 12.79 -25.91
C PRO A 116 8.21 12.18 -25.89
N ASP A 117 9.16 12.79 -25.16
CA ASP A 117 10.49 12.21 -25.04
C ASP A 117 10.46 10.93 -24.23
N ILE A 118 9.67 10.88 -23.16
CA ILE A 118 9.50 9.65 -22.42
C ILE A 118 8.78 8.63 -23.29
N ALA A 119 7.69 9.04 -23.93
CA ALA A 119 6.89 8.11 -24.72
C ALA A 119 7.74 7.42 -25.78
N GLN A 120 8.55 8.19 -26.51
CA GLN A 120 9.36 7.61 -27.57
C GLN A 120 10.41 6.67 -27.03
N GLY A 121 10.90 6.92 -25.84
CA GLY A 121 11.94 6.07 -25.30
C GLY A 121 11.46 4.85 -24.57
N VAL A 122 10.17 4.79 -24.22
CA VAL A 122 9.60 3.74 -23.39
C VAL A 122 8.72 2.80 -24.20
N HIS A 123 7.76 3.33 -24.93
CA HIS A 123 6.72 2.47 -25.50
C HIS A 123 6.35 2.73 -26.93
N LEU A 124 6.61 3.88 -27.51
CA LEU A 124 6.25 4.18 -28.89
CA LEU A 124 6.14 4.08 -28.86
C LEU A 124 6.88 3.15 -29.82
N ASP A 125 6.09 2.56 -30.72
CA ASP A 125 6.61 1.64 -31.71
C ASP A 125 7.40 0.50 -31.09
N ARG A 126 6.96 0.03 -29.94
CA ARG A 126 7.49 -1.15 -29.31
C ARG A 126 6.43 -2.22 -29.16
N ASN A 127 6.84 -3.46 -29.39
CA ASN A 127 6.01 -4.62 -29.10
C ASN A 127 5.71 -4.62 -27.60
N GLU A 128 4.48 -4.94 -27.21
CA GLU A 128 4.09 -4.78 -25.81
C GLU A 128 5.03 -5.52 -24.87
N GLU A 129 5.34 -6.78 -25.19
CA GLU A 129 6.20 -7.54 -24.27
C GLU A 129 7.58 -6.92 -24.13
N ASP A 130 8.01 -6.12 -25.12
CA ASP A 130 9.32 -5.51 -25.16
C ASP A 130 9.30 -4.02 -24.86
N ILE A 131 8.22 -3.50 -24.25
CA ILE A 131 8.20 -2.11 -23.80
CA ILE A 131 8.23 -2.11 -23.85
C ILE A 131 9.32 -1.92 -22.81
N GLY A 132 9.91 -0.75 -22.80
CA GLY A 132 10.91 -0.49 -21.80
C GLY A 132 10.30 -0.12 -20.46
N ALA A 133 11.09 -0.29 -19.39
CA ALA A 133 10.68 0.28 -18.11
C ALA A 133 10.36 1.76 -18.28
N GLY A 134 9.32 2.23 -17.57
CA GLY A 134 8.93 3.62 -17.68
C GLY A 134 9.83 4.59 -16.95
N ASP A 135 10.78 4.09 -16.18
CA ASP A 135 11.74 4.88 -15.44
C ASP A 135 12.84 3.91 -15.01
N GLN A 136 13.97 4.47 -14.58
CA GLN A 136 14.90 3.68 -13.80
C GLN A 136 14.34 3.49 -12.39
N GLY A 137 14.99 2.65 -11.61
CA GLY A 137 14.74 2.56 -10.19
C GLY A 137 14.97 1.15 -9.68
N LEU A 138 14.79 1.02 -8.36
CA LEU A 138 14.95 -0.24 -7.65
C LEU A 138 13.70 -0.50 -6.86
N MET A 139 13.36 -1.78 -6.72
CA MET A 139 12.12 -2.20 -6.08
C MET A 139 12.41 -3.48 -5.31
N PHE A 140 11.67 -3.67 -4.22
CA PHE A 140 11.83 -4.86 -3.42
C PHE A 140 10.50 -5.55 -3.21
N GLY A 141 10.56 -6.87 -3.06
CA GLY A 141 9.44 -7.68 -2.61
C GLY A 141 9.86 -8.45 -1.37
N TYR A 142 8.93 -8.62 -0.44
CA TYR A 142 9.22 -9.30 0.82
C TYR A 142 8.07 -10.23 1.16
N ALA A 143 8.39 -11.32 1.85
CA ALA A 143 7.39 -12.21 2.42
C ALA A 143 7.98 -12.82 3.70
N THR A 144 7.10 -13.04 4.67
CA THR A 144 7.46 -13.63 5.95
C THR A 144 6.36 -14.59 6.36
N ASP A 145 6.76 -15.77 6.83
CA ASP A 145 5.81 -16.81 7.21
C ASP A 145 5.17 -16.57 8.55
N GLU A 146 5.37 -15.41 9.16
CA GLU A 146 4.86 -15.21 10.51
C GLU A 146 3.35 -15.07 10.56
N THR A 147 2.70 -14.76 9.44
CA THR A 147 1.25 -14.78 9.29
C THR A 147 0.90 -15.58 8.03
N GLU A 148 -0.35 -16.05 8.00
N GLU A 148 -0.36 -16.07 7.98
CA GLU A 148 -0.84 -16.83 6.89
CA GLU A 148 -0.76 -16.86 6.80
C GLU A 148 -0.68 -16.06 5.57
C GLU A 148 -0.65 -16.05 5.53
N GLU A 149 -0.95 -14.77 5.60
CA GLU A 149 -0.88 -13.92 4.42
C GLU A 149 0.54 -13.46 4.10
N CYS A 150 1.50 -13.96 4.87
N CYS A 150 1.53 -13.93 4.85
CA CYS A 150 2.91 -13.75 4.57
CA CYS A 150 2.93 -13.67 4.50
C CYS A 150 3.34 -12.29 4.75
C CYS A 150 3.31 -12.22 4.71
N MET A 151 2.73 -11.60 5.71
CA MET A 151 3.03 -10.24 6.05
C MET A 151 3.47 -10.10 7.50
N PRO A 152 4.19 -9.03 7.82
CA PRO A 152 4.53 -8.78 9.23
C PRO A 152 3.30 -8.51 10.08
N LEU A 153 3.27 -9.11 11.28
CA LEU A 153 2.13 -8.88 12.16
C LEU A 153 1.98 -7.41 12.54
N THR A 154 3.09 -6.69 12.74
CA THR A 154 3.01 -5.29 13.15
C THR A 154 2.13 -4.48 12.19
N ILE A 155 2.40 -4.59 10.89
CA ILE A 155 1.66 -3.80 9.90
C ILE A 155 0.25 -4.32 9.73
N VAL A 156 0.05 -5.64 9.75
CA VAL A 156 -1.30 -6.18 9.63
C VAL A 156 -2.19 -5.62 10.73
N LEU A 157 -1.73 -5.71 11.99
CA LEU A 157 -2.53 -5.19 13.09
C LEU A 157 -2.76 -3.70 12.96
N ALA A 158 -1.74 -2.93 12.57
CA ALA A 158 -1.94 -1.50 12.41
C ALA A 158 -3.01 -1.19 11.39
N HIS A 159 -2.98 -1.89 10.24
CA HIS A 159 -4.01 -1.66 9.23
C HIS A 159 -5.39 -2.03 9.76
N LYS A 160 -5.50 -3.17 10.45
CA LYS A 160 -6.81 -3.63 10.90
C LYS A 160 -7.40 -2.69 11.94
N LEU A 161 -6.56 -2.01 12.73
CA LEU A 161 -7.08 -1.01 13.66
C LEU A 161 -7.73 0.17 12.92
N ASN A 162 -7.10 0.63 11.85
CA ASN A 162 -7.71 1.68 11.05
C ASN A 162 -8.98 1.21 10.38
N ALA A 163 -9.00 -0.04 9.87
CA ALA A 163 -10.21 -0.53 9.23
C ALA A 163 -11.35 -0.62 10.23
N LYS A 164 -11.04 -0.99 11.47
CA LYS A 164 -12.07 -1.10 12.50
C LYS A 164 -12.66 0.27 12.81
N LEU A 165 -11.81 1.30 12.89
CA LEU A 165 -12.33 2.65 13.06
C LEU A 165 -13.28 3.03 11.95
N ALA A 166 -12.90 2.76 10.70
CA ALA A 166 -13.79 3.13 9.61
C ALA A 166 -15.10 2.35 9.66
N GLU A 167 -15.03 1.08 10.06
CA GLU A 167 -16.22 0.26 10.20
C GLU A 167 -17.18 0.84 11.23
N LEU A 168 -16.67 1.24 12.39
CA LEU A 168 -17.53 1.74 13.47
C LEU A 168 -18.01 3.15 13.21
N ARG A 169 -17.28 3.90 12.38
CA ARG A 169 -17.77 5.18 11.90
C ARG A 169 -18.92 4.97 10.92
N ARG A 170 -18.72 4.10 9.95
CA ARG A 170 -19.73 3.89 8.92
C ARG A 170 -20.98 3.22 9.47
N ASN A 171 -20.88 2.36 10.48
CA ASN A 171 -22.07 1.67 10.98
C ASN A 171 -22.77 2.47 12.06
N GLY A 172 -22.25 3.64 12.41
CA GLY A 172 -22.93 4.51 13.34
C GLY A 172 -22.76 4.16 14.79
N THR A 173 -21.94 3.13 15.08
N THR A 173 -21.96 3.21 15.14
CA THR A 173 -21.63 2.74 16.46
CA THR A 173 -21.90 2.97 16.57
C THR A 173 -21.00 3.90 17.23
C THR A 173 -20.92 3.86 17.32
N LEU A 174 -19.99 4.55 16.62
CA LEU A 174 -19.16 5.58 17.24
C LEU A 174 -19.29 6.79 16.33
N PRO A 175 -20.42 7.50 16.40
CA PRO A 175 -20.71 8.54 15.40
CA PRO A 175 -20.69 8.53 15.40
C PRO A 175 -19.83 9.77 15.55
N TRP A 176 -19.10 9.90 16.64
CA TRP A 176 -18.15 10.99 16.81
C TRP A 176 -16.87 10.80 16.00
N LEU A 177 -16.64 9.63 15.42
CA LEU A 177 -15.43 9.41 14.64
C LEU A 177 -15.49 10.16 13.33
N ARG A 178 -14.33 10.60 12.87
CA ARG A 178 -14.15 11.19 11.56
C ARG A 178 -13.16 10.34 10.76
N PRO A 179 -12.96 10.62 9.47
CA PRO A 179 -12.22 9.67 8.63
C PRO A 179 -10.70 9.63 8.82
N ASP A 180 -10.08 10.69 9.35
CA ASP A 180 -8.62 10.77 9.49
C ASP A 180 -8.17 10.03 10.74
N SER A 181 -7.30 9.03 10.56
CA SER A 181 -6.79 8.28 11.70
C SER A 181 -5.37 7.80 11.42
N LYS A 182 -4.64 7.52 12.48
CA LYS A 182 -3.33 6.87 12.45
C LYS A 182 -3.24 5.88 13.59
N THR A 183 -2.55 4.76 13.34
CA THR A 183 -2.33 3.76 14.38
C THR A 183 -0.88 3.32 14.33
N GLN A 184 -0.41 2.72 15.41
CA GLN A 184 0.98 2.27 15.46
C GLN A 184 1.06 1.13 16.46
N VAL A 185 1.76 0.04 16.07
CA VAL A 185 1.81 -1.16 16.85
C VAL A 185 3.26 -1.59 17.01
N THR A 186 3.66 -1.83 18.26
CA THR A 186 4.98 -2.34 18.60
C THR A 186 4.80 -3.75 19.10
N VAL A 187 5.48 -4.71 18.47
CA VAL A 187 5.44 -6.13 18.83
C VAL A 187 6.79 -6.57 19.31
N GLN A 188 6.81 -7.40 20.36
CA GLN A 188 7.99 -8.15 20.78
C GLN A 188 8.03 -9.44 19.98
N TYR A 189 9.16 -9.66 19.31
CA TYR A 189 9.42 -10.83 18.49
C TYR A 189 10.51 -11.69 19.10
N MET A 190 10.46 -12.99 18.79
CA MET A 190 11.52 -13.92 19.11
CA MET A 190 11.51 -13.94 19.10
C MET A 190 12.20 -14.39 17.82
N GLN A 191 13.54 -14.46 17.87
CA GLN A 191 14.31 -15.03 16.77
C GLN A 191 13.96 -16.50 16.60
N ASP A 192 13.87 -16.95 15.33
CA ASP A 192 13.62 -18.37 15.10
C ASP A 192 14.33 -18.79 13.81
N ARG A 193 15.62 -19.04 13.92
CA ARG A 193 16.42 -19.58 12.81
C ARG A 193 16.28 -18.73 11.55
N GLY A 194 16.37 -17.42 11.72
CA GLY A 194 16.32 -16.47 10.64
C GLY A 194 14.94 -15.91 10.40
N ALA A 195 13.89 -16.66 10.75
CA ALA A 195 12.52 -16.21 10.77
C ALA A 195 12.25 -15.48 12.07
N VAL A 196 11.08 -14.88 12.18
CA VAL A 196 10.69 -14.15 13.39
C VAL A 196 9.32 -14.65 13.85
N LEU A 197 9.13 -14.68 15.18
CA LEU A 197 7.91 -15.18 15.79
C LEU A 197 7.34 -14.09 16.68
N PRO A 198 6.15 -13.58 16.43
CA PRO A 198 5.56 -12.57 17.31
C PRO A 198 5.20 -13.19 18.66
N ILE A 199 5.51 -12.47 19.74
CA ILE A 199 5.24 -12.90 21.12
C ILE A 199 4.08 -12.12 21.73
N ARG A 200 4.17 -10.80 21.74
CA ARG A 200 3.18 -9.98 22.40
C ARG A 200 3.20 -8.59 21.81
N VAL A 201 2.11 -7.86 22.07
CA VAL A 201 2.00 -6.46 21.72
C VAL A 201 2.47 -5.62 22.90
N HIS A 202 3.49 -4.83 22.66
CA HIS A 202 4.16 -3.99 23.66
C HIS A 202 3.50 -2.63 23.79
N THR A 203 3.15 -1.98 22.69
CA THR A 203 2.57 -0.64 22.70
C THR A 203 1.62 -0.51 21.51
N ILE A 204 0.48 0.15 21.73
CA ILE A 204 -0.43 0.57 20.67
C ILE A 204 -0.67 2.07 20.79
N VAL A 205 -0.58 2.76 19.66
CA VAL A 205 -1.01 4.15 19.51
C VAL A 205 -2.23 4.18 18.60
N ILE A 206 -3.26 4.96 18.98
CA ILE A 206 -4.34 5.31 18.07
C ILE A 206 -4.63 6.79 18.22
N SER A 207 -4.62 7.52 17.09
CA SER A 207 -5.09 8.89 17.03
C SER A 207 -6.16 8.96 15.96
N VAL A 208 -7.32 9.52 16.29
CA VAL A 208 -8.39 9.63 15.30
C VAL A 208 -9.16 10.93 15.48
N GLN A 209 -9.46 11.55 14.34
CA GLN A 209 -10.22 12.79 14.34
C GLN A 209 -11.62 12.54 14.89
N HIS A 210 -12.13 13.53 15.60
CA HIS A 210 -13.38 13.35 16.34
C HIS A 210 -14.17 14.65 16.39
N ASP A 211 -15.45 14.51 16.74
CA ASP A 211 -16.31 15.68 16.81
C ASP A 211 -16.02 16.49 18.08
N GLU A 212 -16.59 17.68 18.12
CA GLU A 212 -16.32 18.65 19.18
C GLU A 212 -16.96 18.28 20.49
N GLU A 213 -17.92 17.38 20.50
CA GLU A 213 -18.70 17.12 21.70
CA GLU A 213 -18.72 17.10 21.68
C GLU A 213 -18.19 15.96 22.54
N VAL A 214 -17.52 14.98 21.98
CA VAL A 214 -17.15 13.79 22.75
C VAL A 214 -15.91 14.08 23.60
N CYS A 215 -15.88 13.51 24.80
CA CYS A 215 -14.76 13.76 25.70
C CYS A 215 -13.69 12.68 25.60
N LEU A 216 -12.52 13.02 26.11
CA LEU A 216 -11.38 12.12 26.00
CA LEU A 216 -11.38 12.13 26.02
C LEU A 216 -11.64 10.79 26.68
N ASP A 217 -12.34 10.76 27.82
CA ASP A 217 -12.54 9.50 28.51
C ASP A 217 -13.45 8.58 27.73
N GLU A 218 -14.53 9.13 27.14
CA GLU A 218 -15.40 8.33 26.29
C GLU A 218 -14.60 7.78 25.13
N MET A 219 -13.76 8.61 24.51
CA MET A 219 -13.00 8.15 23.35
C MET A 219 -12.02 7.06 23.74
N ARG A 220 -11.27 7.28 24.83
CA ARG A 220 -10.22 6.32 25.20
CA ARG A 220 -10.22 6.32 25.20
C ARG A 220 -10.82 4.99 25.60
N ASP A 221 -11.94 5.01 26.32
CA ASP A 221 -12.61 3.76 26.66
C ASP A 221 -13.09 3.04 25.41
N ALA A 222 -13.69 3.76 24.47
CA ALA A 222 -14.16 3.11 23.24
C ALA A 222 -12.99 2.57 22.42
N LEU A 223 -11.89 3.30 22.33
CA LEU A 223 -10.78 2.83 21.54
C LEU A 223 -10.21 1.56 22.12
N LYS A 224 -10.19 1.42 23.44
CA LYS A 224 -9.69 0.19 24.04
CA LYS A 224 -9.68 0.19 24.04
C LYS A 224 -10.69 -0.96 23.88
N GLU A 225 -11.95 -0.72 24.22
CA GLU A 225 -12.91 -1.83 24.29
C GLU A 225 -13.52 -2.18 22.95
N LYS A 226 -13.78 -1.23 22.10
CA LYS A 226 -14.49 -1.46 20.84
CA LYS A 226 -14.49 -1.46 20.84
C LYS A 226 -13.57 -1.52 19.63
N VAL A 227 -12.34 -1.05 19.75
CA VAL A 227 -11.42 -1.04 18.62
C VAL A 227 -10.32 -2.04 18.90
N ILE A 228 -9.46 -1.79 19.90
CA ILE A 228 -8.34 -2.69 20.16
C ILE A 228 -8.81 -4.10 20.48
N LYS A 229 -9.74 -4.25 21.41
CA LYS A 229 -10.14 -5.61 21.78
C LYS A 229 -10.86 -6.30 20.64
N ALA A 230 -11.45 -5.57 19.71
CA ALA A 230 -12.13 -6.17 18.57
C ALA A 230 -11.18 -6.54 17.44
N VAL A 231 -9.89 -6.19 17.55
CA VAL A 231 -8.90 -6.44 16.51
C VAL A 231 -7.76 -7.33 16.98
N VAL A 232 -7.17 -7.01 18.12
CA VAL A 232 -5.93 -7.65 18.56
C VAL A 232 -6.27 -8.82 19.46
N PRO A 233 -5.87 -10.03 19.13
CA PRO A 233 -6.14 -11.17 20.02
C PRO A 233 -5.63 -10.92 21.43
N ALA A 234 -6.45 -11.33 22.41
CA ALA A 234 -6.14 -11.13 23.81
C ALA A 234 -4.82 -11.78 24.19
N LYS A 235 -4.46 -12.87 23.53
CA LYS A 235 -3.21 -13.56 23.86
C LYS A 235 -1.99 -12.66 23.66
N TYR A 236 -2.09 -11.59 22.89
CA TYR A 236 -0.97 -10.69 22.69
C TYR A 236 -0.96 -9.53 23.65
N LEU A 237 -2.03 -9.33 24.42
CA LEU A 237 -2.20 -8.16 25.26
C LEU A 237 -2.07 -8.58 26.70
N ASP A 238 -1.37 -7.81 27.52
CA ASP A 238 -1.23 -8.17 28.93
C ASP A 238 -1.19 -6.92 29.77
N GLU A 239 -0.97 -7.09 31.06
CA GLU A 239 -1.04 -5.96 31.99
C GLU A 239 0.03 -4.92 31.70
N ASP A 240 1.11 -5.31 31.02
CA ASP A 240 2.20 -4.41 30.73
C ASP A 240 2.07 -3.68 29.39
N THR A 241 1.13 -4.09 28.53
CA THR A 241 0.97 -3.40 27.26
C THR A 241 0.68 -1.94 27.51
N ILE A 242 1.33 -1.07 26.75
CA ILE A 242 1.21 0.39 26.87
C ILE A 242 0.25 0.87 25.81
N TYR A 243 -0.70 1.73 26.21
CA TYR A 243 -1.68 2.29 25.30
C TYR A 243 -1.53 3.80 25.27
N HIS A 244 -1.37 4.34 24.07
CA HIS A 244 -1.39 5.79 23.81
C HIS A 244 -2.58 6.06 22.91
N LEU A 245 -3.72 6.39 23.53
CA LEU A 245 -5.00 6.57 22.85
C LEU A 245 -5.34 8.04 22.90
N GLN A 246 -5.55 8.64 21.72
CA GLN A 246 -5.71 10.08 21.62
C GLN A 246 -4.60 10.82 22.41
N PRO A 247 -3.33 10.47 22.18
CA PRO A 247 -2.24 11.06 23.00
C PRO A 247 -2.07 12.55 22.80
N SER A 248 -2.53 13.14 21.70
CA SER A 248 -2.44 14.59 21.58
C SER A 248 -3.46 15.31 22.44
N GLY A 249 -4.49 14.63 22.91
CA GLY A 249 -5.50 15.21 23.74
C GLY A 249 -6.65 15.84 23.00
N ARG A 250 -6.50 16.22 21.74
CA ARG A 250 -7.57 16.87 20.99
C ARG A 250 -7.23 16.76 19.51
N PHE A 251 -8.18 16.28 18.71
CA PHE A 251 -8.01 16.05 17.26
C PHE A 251 -9.36 16.30 16.59
N VAL A 252 -9.85 17.54 16.74
CA VAL A 252 -11.08 17.96 16.07
C VAL A 252 -10.82 18.43 14.65
N ILE A 253 -9.78 19.27 14.47
CA ILE A 253 -9.29 19.63 13.15
C ILE A 253 -8.55 18.44 12.59
N GLY A 254 -8.90 18.02 11.38
CA GLY A 254 -8.24 16.89 10.77
C GLY A 254 -8.47 16.87 9.28
N GLY A 255 -8.10 15.75 8.65
CA GLY A 255 -8.07 15.72 7.21
C GLY A 255 -7.09 16.74 6.64
N PRO A 256 -7.30 17.14 5.37
CA PRO A 256 -6.39 18.13 4.74
C PRO A 256 -6.32 19.44 5.49
N GLN A 257 -7.35 19.82 6.22
CA GLN A 257 -7.32 21.04 7.00
C GLN A 257 -6.25 20.98 8.08
N GLY A 258 -6.04 19.81 8.69
CA GLY A 258 -5.03 19.67 9.72
C GLY A 258 -3.62 19.49 9.21
N ASP A 259 -3.45 18.99 7.99
CA ASP A 259 -2.15 18.54 7.52
C ASP A 259 -2.28 18.29 6.03
N ALA A 260 -1.39 18.88 5.24
CA ALA A 260 -1.40 18.68 3.79
C ALA A 260 -1.20 17.21 3.45
N GLY A 261 -1.86 16.76 2.40
CA GLY A 261 -1.68 15.41 1.88
C GLY A 261 -1.05 15.47 0.50
N LEU A 262 -0.22 14.45 0.21
CA LEU A 262 0.34 14.27 -1.12
CA LEU A 262 0.34 14.27 -1.12
C LEU A 262 0.33 12.79 -1.46
N THR A 263 0.16 12.49 -2.75
CA THR A 263 0.33 11.10 -3.21
C THR A 263 1.75 10.63 -2.91
N GLY A 264 1.87 9.36 -2.52
CA GLY A 264 3.18 8.75 -2.41
C GLY A 264 3.99 9.15 -1.20
N ARG A 265 3.30 9.54 -0.11
CA ARG A 265 3.93 9.91 1.14
C ARG A 265 3.66 8.90 2.25
N LYS A 266 3.11 7.73 1.88
CA LYS A 266 2.86 6.63 2.81
C LYS A 266 3.40 5.33 2.23
N ILE A 267 4.60 5.37 1.67
CA ILE A 267 5.09 4.22 0.91
C ILE A 267 5.45 3.03 1.78
N ILE A 268 5.78 3.27 3.06
CA ILE A 268 6.10 2.22 4.00
C ILE A 268 4.83 1.59 4.56
N VAL A 269 3.80 2.41 4.82
CA VAL A 269 2.45 1.93 5.12
C VAL A 269 1.92 1.08 3.98
N ASP A 270 2.22 1.44 2.73
CA ASP A 270 1.69 0.75 1.57
C ASP A 270 2.32 -0.61 1.38
N THR A 271 3.46 -0.88 2.01
CA THR A 271 4.26 -2.06 1.73
C THR A 271 4.34 -2.94 2.97
N TYR A 272 5.45 -2.87 3.73
CA TYR A 272 5.72 -3.88 4.75
C TYR A 272 5.92 -3.26 6.13
N GLY A 273 5.58 -2.00 6.33
CA GLY A 273 5.66 -1.42 7.65
C GLY A 273 7.08 -1.32 8.17
N GLY A 274 8.07 -1.23 7.27
CA GLY A 274 9.44 -1.08 7.64
C GLY A 274 10.26 -2.34 7.50
N TRP A 275 9.61 -3.50 7.44
CA TRP A 275 10.28 -4.75 7.22
C TRP A 275 10.74 -4.88 5.79
N GLY A 276 11.65 -5.83 5.55
CA GLY A 276 12.13 -6.01 4.19
C GLY A 276 13.03 -4.88 3.76
N ALA A 277 12.61 -4.17 2.72
CA ALA A 277 13.30 -3.00 2.22
C ALA A 277 12.36 -2.28 1.25
N HIS A 278 12.73 -1.05 0.89
CA HIS A 278 11.96 -0.23 -0.02
C HIS A 278 12.90 0.51 -0.95
N GLY A 279 12.54 0.60 -2.24
CA GLY A 279 13.36 1.32 -3.19
C GLY A 279 13.00 2.76 -3.40
N GLY A 280 11.91 3.25 -2.80
CA GLY A 280 11.57 4.66 -2.80
C GLY A 280 10.42 5.06 -3.67
N GLY A 281 10.02 4.22 -4.61
CA GLY A 281 8.96 4.60 -5.55
C GLY A 281 7.57 4.45 -4.96
N ALA A 282 6.72 5.40 -5.28
CA ALA A 282 5.31 5.34 -4.90
C ALA A 282 4.53 4.53 -5.89
N PHE A 283 3.38 4.03 -5.45
CA PHE A 283 2.53 3.19 -6.28
C PHE A 283 1.37 3.94 -6.95
N SER A 284 0.66 4.80 -6.23
CA SER A 284 -0.65 5.26 -6.68
C SER A 284 -0.52 6.26 -7.81
N GLY A 285 -1.51 6.20 -8.70
CA GLY A 285 -1.61 7.11 -9.82
C GLY A 285 -0.81 6.71 -11.06
N LYS A 286 -0.28 5.49 -11.10
CA LYS A 286 0.66 5.05 -12.11
CA LYS A 286 0.65 5.07 -12.13
C LYS A 286 0.16 3.80 -12.83
N ASP A 287 0.21 3.81 -14.15
CA ASP A 287 -0.09 2.62 -14.94
C ASP A 287 1.07 1.63 -14.94
N TYR A 288 0.85 0.46 -15.56
CA TYR A 288 1.76 -0.68 -15.44
C TYR A 288 3.15 -0.42 -15.99
N THR A 289 3.31 0.53 -16.92
CA THR A 289 4.64 0.77 -17.46
C THR A 289 5.55 1.43 -16.43
N LYS A 290 5.00 1.98 -15.34
CA LYS A 290 5.79 2.55 -14.25
C LYS A 290 6.19 1.40 -13.33
N VAL A 291 7.41 0.92 -13.49
CA VAL A 291 7.92 -0.20 -12.72
C VAL A 291 7.93 0.02 -11.22
N ASP A 292 7.91 1.28 -10.77
CA ASP A 292 7.79 1.50 -9.33
C ASP A 292 6.65 0.68 -8.76
N ARG A 293 5.55 0.58 -9.49
CA ARG A 293 4.40 -0.19 -9.05
C ARG A 293 4.48 -1.63 -9.57
N SER A 294 4.53 -1.82 -10.90
CA SER A 294 4.41 -3.16 -11.44
C SER A 294 5.53 -4.08 -10.98
N ALA A 295 6.76 -3.59 -10.92
CA ALA A 295 7.86 -4.46 -10.51
C ALA A 295 7.84 -4.71 -9.00
N ALA A 296 7.37 -3.75 -8.21
CA ALA A 296 7.18 -4.03 -6.78
C ALA A 296 6.10 -5.09 -6.56
N TYR A 297 5.02 -5.02 -7.34
CA TYR A 297 3.97 -6.03 -7.25
C TYR A 297 4.53 -7.39 -7.67
N ALA A 298 5.27 -7.42 -8.76
CA ALA A 298 5.86 -8.70 -9.20
C ALA A 298 6.86 -9.21 -8.19
N ALA A 299 7.64 -8.34 -7.54
CA ALA A 299 8.62 -8.79 -6.57
C ALA A 299 7.93 -9.35 -5.35
N ARG A 300 6.83 -8.74 -4.92
CA ARG A 300 6.01 -9.34 -3.87
C ARG A 300 5.54 -10.73 -4.26
N TRP A 301 5.05 -10.85 -5.49
CA TRP A 301 4.58 -12.13 -6.01
C TRP A 301 5.67 -13.18 -5.98
N VAL A 302 6.88 -12.82 -6.40
CA VAL A 302 8.00 -13.75 -6.33
C VAL A 302 8.27 -14.15 -4.89
N ALA A 303 8.40 -13.18 -4.00
CA ALA A 303 8.72 -13.47 -2.60
C ALA A 303 7.67 -14.37 -1.97
N LYS A 304 6.41 -14.03 -2.17
CA LYS A 304 5.34 -14.84 -1.59
C LYS A 304 5.32 -16.24 -2.21
N SER A 305 5.62 -16.35 -3.50
CA SER A 305 5.70 -17.67 -4.12
C SER A 305 6.82 -18.52 -3.53
N LEU A 306 7.97 -17.91 -3.22
CA LEU A 306 9.06 -18.65 -2.61
C LEU A 306 8.69 -19.14 -1.22
N VAL A 307 7.98 -18.33 -0.43
CA VAL A 307 7.59 -18.74 0.91
C VAL A 307 6.49 -19.79 0.86
N LYS A 308 5.44 -19.55 0.07
CA LYS A 308 4.35 -20.52 0.00
CA LYS A 308 4.35 -20.51 0.00
C LYS A 308 4.79 -21.80 -0.68
N GLY A 309 5.82 -21.75 -1.50
CA GLY A 309 6.41 -22.92 -2.11
C GLY A 309 7.31 -23.71 -1.20
N GLY A 310 7.51 -23.26 0.02
CA GLY A 310 8.32 -23.96 1.00
C GLY A 310 9.80 -23.83 0.80
N LEU A 311 10.26 -22.88 -0.01
CA LEU A 311 11.68 -22.73 -0.27
C LEU A 311 12.35 -21.82 0.74
N CYS A 312 11.61 -20.87 1.33
CA CYS A 312 12.11 -19.89 2.28
CA CYS A 312 12.16 -20.13 2.44
C CYS A 312 11.04 -19.74 3.35
N ARG A 313 11.43 -19.33 4.56
CA ARG A 313 10.46 -18.84 5.54
C ARG A 313 10.31 -17.33 5.50
N ARG A 314 11.33 -16.62 4.98
CA ARG A 314 11.40 -15.18 4.99
C ARG A 314 12.34 -14.83 3.85
N VAL A 315 11.99 -13.86 3.01
CA VAL A 315 12.79 -13.60 1.83
C VAL A 315 12.58 -12.18 1.35
N LEU A 316 13.63 -11.59 0.82
CA LEU A 316 13.64 -10.25 0.24
C LEU A 316 14.24 -10.35 -1.16
N VAL A 317 13.55 -9.77 -2.14
CA VAL A 317 13.96 -9.77 -3.53
C VAL A 317 14.17 -8.32 -3.95
N GLN A 318 15.29 -8.01 -4.62
CA GLN A 318 15.49 -6.71 -5.23
C GLN A 318 15.51 -6.88 -6.74
N VAL A 319 14.91 -5.93 -7.45
CA VAL A 319 15.10 -5.80 -8.88
CA VAL A 319 15.03 -5.80 -8.90
C VAL A 319 15.37 -4.34 -9.20
N SER A 320 15.97 -4.09 -10.35
CA SER A 320 16.18 -2.71 -10.78
C SER A 320 16.08 -2.61 -12.29
N TYR A 321 15.87 -1.38 -12.78
CA TYR A 321 15.60 -1.12 -14.19
C TYR A 321 16.30 0.16 -14.62
N ALA A 322 16.45 0.29 -15.93
CA ALA A 322 16.80 1.55 -16.60
C ALA A 322 15.62 1.96 -17.48
N ILE A 323 15.33 3.27 -17.54
CA ILE A 323 14.28 3.74 -18.44
C ILE A 323 14.56 3.27 -19.86
N GLY A 324 13.53 2.75 -20.53
CA GLY A 324 13.67 2.34 -21.90
C GLY A 324 14.17 0.94 -22.10
N VAL A 325 14.60 0.25 -21.06
CA VAL A 325 15.15 -1.10 -21.15
C VAL A 325 14.14 -2.05 -20.51
N SER A 326 13.82 -3.14 -21.22
CA SER A 326 12.75 -4.02 -20.73
CA SER A 326 12.75 -4.06 -20.77
C SER A 326 13.21 -4.92 -19.60
N HIS A 327 14.32 -5.64 -19.77
CA HIS A 327 14.73 -6.59 -18.75
C HIS A 327 15.33 -5.86 -17.55
N PRO A 328 15.11 -6.38 -16.36
CA PRO A 328 15.80 -5.82 -15.19
C PRO A 328 17.31 -5.80 -15.38
N LEU A 329 17.93 -4.76 -14.81
CA LEU A 329 19.38 -4.65 -14.79
CA LEU A 329 19.38 -4.64 -14.79
C LEU A 329 20.01 -5.57 -13.77
N SER A 330 19.29 -5.85 -12.68
CA SER A 330 19.80 -6.67 -11.60
C SER A 330 18.62 -7.37 -10.97
N ILE A 331 18.88 -8.57 -10.44
CA ILE A 331 17.92 -9.28 -9.61
C ILE A 331 18.74 -9.91 -8.50
N SER A 332 18.27 -9.75 -7.27
CA SER A 332 19.00 -10.24 -6.09
C SER A 332 18.01 -10.77 -5.07
N ILE A 333 18.50 -11.66 -4.23
CA ILE A 333 17.65 -12.29 -3.23
CA ILE A 333 17.66 -12.37 -3.26
C ILE A 333 18.44 -12.51 -1.95
N PHE A 334 17.74 -12.36 -0.83
CA PHE A 334 18.28 -12.63 0.50
C PHE A 334 17.25 -13.46 1.24
N HIS A 335 17.67 -14.64 1.74
CA HIS A 335 16.75 -15.55 2.39
C HIS A 335 16.86 -15.55 3.92
N TYR A 336 17.68 -14.68 4.50
CA TYR A 336 17.80 -14.51 5.95
C TYR A 336 18.27 -15.79 6.64
N GLY A 337 18.88 -16.72 5.90
CA GLY A 337 19.27 -17.99 6.47
C GLY A 337 18.12 -18.96 6.62
N THR A 338 17.01 -18.75 5.93
CA THR A 338 15.81 -19.57 6.10
C THR A 338 15.55 -20.52 4.93
N SER A 339 16.49 -20.71 4.04
CA SER A 339 16.35 -21.61 2.90
C SER A 339 17.45 -22.67 2.95
N GLN A 340 17.09 -23.89 2.53
N GLN A 340 17.09 -23.90 2.56
CA GLN A 340 18.09 -24.92 2.32
CA GLN A 340 18.13 -24.89 2.32
C GLN A 340 18.75 -24.79 0.96
C GLN A 340 18.85 -24.59 1.02
N LYS A 341 18.10 -24.12 0.02
CA LYS A 341 18.70 -23.81 -1.25
C LYS A 341 19.58 -22.60 -1.10
N SER A 342 20.66 -22.59 -1.85
CA SER A 342 21.52 -21.44 -1.84
C SER A 342 20.84 -20.27 -2.54
N GLU A 343 21.37 -19.10 -2.25
CA GLU A 343 20.95 -17.90 -2.95
C GLU A 343 21.08 -18.07 -4.47
N ARG A 344 22.19 -18.66 -4.94
CA ARG A 344 22.36 -18.92 -6.37
CA ARG A 344 22.35 -18.92 -6.37
C ARG A 344 21.24 -19.80 -6.91
N GLU A 345 20.90 -20.85 -6.19
CA GLU A 345 19.83 -21.74 -6.63
C GLU A 345 18.48 -21.03 -6.65
N LEU A 346 18.22 -20.16 -5.66
CA LEU A 346 16.96 -19.42 -5.65
C LEU A 346 16.88 -18.48 -6.85
N LEU A 347 17.98 -17.81 -7.18
CA LEU A 347 17.98 -16.94 -8.35
C LEU A 347 17.68 -17.72 -9.62
N GLU A 348 18.22 -18.93 -9.74
CA GLU A 348 17.94 -19.74 -10.92
CA GLU A 348 17.94 -19.75 -10.91
C GLU A 348 16.47 -20.14 -10.97
N ILE A 349 15.89 -20.50 -9.82
CA ILE A 349 14.47 -20.80 -9.78
C ILE A 349 13.65 -19.60 -10.21
N VAL A 350 14.00 -18.42 -9.72
CA VAL A 350 13.24 -17.23 -10.11
C VAL A 350 13.38 -16.97 -11.62
N LYS A 351 14.60 -17.10 -12.17
CA LYS A 351 14.82 -16.91 -13.59
C LYS A 351 13.98 -17.86 -14.42
N LYS A 352 13.87 -19.11 -14.01
CA LYS A 352 13.16 -20.11 -14.78
C LYS A 352 11.66 -19.96 -14.68
N ASN A 353 11.16 -19.31 -13.64
CA ASN A 353 9.73 -19.25 -13.37
C ASN A 353 9.08 -17.90 -13.59
N PHE A 354 9.86 -16.82 -13.65
CA PHE A 354 9.32 -15.48 -13.76
C PHE A 354 10.02 -14.71 -14.86
N ASP A 355 9.28 -13.80 -15.51
CA ASP A 355 9.79 -12.88 -16.51
C ASP A 355 9.38 -11.50 -16.05
N LEU A 356 10.35 -10.71 -15.60
CA LEU A 356 10.09 -9.46 -14.93
C LEU A 356 10.19 -8.26 -15.86
N ARG A 357 10.09 -8.47 -17.17
CA ARG A 357 9.85 -7.36 -18.06
C ARG A 357 8.46 -6.77 -17.79
N PRO A 358 8.32 -5.44 -17.79
CA PRO A 358 6.99 -4.87 -17.50
C PRO A 358 5.91 -5.31 -18.47
N GLY A 359 6.26 -5.52 -19.73
CA GLY A 359 5.33 -5.97 -20.73
C GLY A 359 4.94 -7.42 -20.61
N VAL A 360 5.55 -8.16 -19.71
CA VAL A 360 5.10 -9.50 -19.34
C VAL A 360 4.41 -9.50 -17.99
N ILE A 361 4.94 -8.75 -17.02
CA ILE A 361 4.25 -8.58 -15.74
C ILE A 361 2.80 -8.16 -15.95
N VAL A 362 2.57 -7.27 -16.90
CA VAL A 362 1.21 -6.76 -17.13
C VAL A 362 0.25 -7.89 -17.44
N ARG A 363 0.71 -8.86 -18.21
CA ARG A 363 -0.13 -10.02 -18.55
C ARG A 363 -0.31 -10.93 -17.35
N ASP A 364 0.79 -11.24 -16.66
CA ASP A 364 0.71 -12.19 -15.56
C ASP A 364 -0.14 -11.65 -14.41
N LEU A 365 -0.09 -10.37 -14.16
CA LEU A 365 -0.77 -9.76 -13.01
C LEU A 365 -2.02 -8.95 -13.42
N ASP A 366 -2.36 -8.95 -14.70
CA ASP A 366 -3.59 -8.34 -15.22
C ASP A 366 -3.65 -6.85 -14.91
N LEU A 367 -2.55 -6.15 -15.18
CA LEU A 367 -2.37 -4.80 -14.63
C LEU A 367 -3.03 -3.71 -15.47
N LYS A 368 -3.77 -4.05 -16.52
CA LYS A 368 -4.66 -3.08 -17.14
C LYS A 368 -6.02 -3.03 -16.50
N LYS A 369 -6.33 -3.93 -15.57
CA LYS A 369 -7.65 -3.95 -14.94
CA LYS A 369 -7.65 -3.95 -14.96
C LYS A 369 -7.79 -2.80 -13.94
N PRO A 370 -8.93 -2.13 -13.93
CA PRO A 370 -9.15 -0.95 -13.04
C PRO A 370 -9.49 -1.35 -11.61
N ILE A 371 -8.54 -1.96 -10.92
CA ILE A 371 -8.74 -2.37 -9.53
C ILE A 371 -7.87 -1.57 -8.58
N TYR A 372 -7.26 -0.49 -9.06
CA TYR A 372 -6.22 0.16 -8.27
C TYR A 372 -6.75 0.96 -7.10
N GLN A 373 -7.92 1.60 -7.20
CA GLN A 373 -8.41 2.33 -6.04
C GLN A 373 -8.52 1.41 -4.82
N ARG A 374 -8.82 0.12 -5.05
CA ARG A 374 -8.93 -0.80 -3.93
C ARG A 374 -7.60 -1.07 -3.25
N THR A 375 -6.47 -0.83 -3.92
CA THR A 375 -5.16 -1.06 -3.33
C THR A 375 -4.69 0.08 -2.44
N ALA A 376 -5.34 1.26 -2.51
CA ALA A 376 -4.75 2.53 -2.07
C ALA A 376 -5.02 2.88 -0.61
N ALA A 377 -5.67 2.00 0.15
CA ALA A 377 -5.72 2.09 1.59
C ALA A 377 -5.54 0.68 2.16
N TYR A 378 -4.97 0.59 3.36
CA TYR A 378 -4.79 -0.65 4.11
C TYR A 378 -3.70 -1.55 3.55
N GLY A 379 -2.80 -1.00 2.75
CA GLY A 379 -1.66 -1.73 2.21
C GLY A 379 -1.99 -2.39 0.88
N HIS A 380 -0.97 -2.49 0.03
CA HIS A 380 -1.14 -3.12 -1.27
C HIS A 380 -0.97 -4.62 -1.22
N PHE A 381 -0.43 -5.14 -0.14
CA PHE A 381 -0.04 -6.55 -0.03
C PHE A 381 -0.74 -7.20 1.14
N GLY A 382 -0.89 -8.50 1.06
CA GLY A 382 -1.45 -9.28 2.14
C GLY A 382 -2.96 -9.30 2.23
N ARG A 383 -3.66 -8.79 1.22
CA ARG A 383 -5.10 -8.64 1.27
C ARG A 383 -5.74 -9.06 -0.04
N ASP A 384 -6.93 -9.64 0.04
CA ASP A 384 -7.94 -9.67 -1.03
CA ASP A 384 -7.93 -9.65 -1.03
C ASP A 384 -7.58 -10.51 -2.25
N SER A 385 -6.54 -11.33 -2.17
CA SER A 385 -6.18 -12.25 -3.24
C SER A 385 -6.07 -11.53 -4.59
N PHE A 386 -5.46 -10.34 -4.59
CA PHE A 386 -5.03 -9.69 -5.84
C PHE A 386 -4.08 -10.65 -6.57
N PRO A 387 -3.83 -10.46 -7.88
CA PRO A 387 -3.00 -11.44 -8.60
C PRO A 387 -1.63 -11.65 -7.99
N TRP A 388 -1.00 -10.59 -7.45
CA TRP A 388 0.34 -10.71 -6.88
C TRP A 388 0.36 -11.41 -5.53
N GLU A 389 -0.83 -11.71 -4.98
CA GLU A 389 -0.97 -12.44 -3.73
C GLU A 389 -1.32 -13.90 -3.95
N VAL A 390 -1.50 -14.33 -5.19
CA VAL A 390 -1.79 -15.72 -5.53
C VAL A 390 -0.47 -16.38 -5.91
N PRO A 391 0.10 -17.25 -5.10
CA PRO A 391 1.46 -17.73 -5.41
CA PRO A 391 1.45 -17.74 -5.40
C PRO A 391 1.51 -18.50 -6.72
N LYS A 392 2.62 -18.36 -7.42
CA LYS A 392 2.90 -19.19 -8.59
CA LYS A 392 2.88 -19.18 -8.58
C LYS A 392 3.47 -20.52 -8.15
N LYS A 393 2.97 -21.61 -8.73
CA LYS A 393 3.55 -22.93 -8.55
CA LYS A 393 3.53 -22.94 -8.56
C LYS A 393 4.88 -22.99 -9.26
N LEU A 394 5.93 -23.29 -8.52
CA LEU A 394 7.28 -23.20 -9.07
C LEU A 394 7.76 -24.53 -9.58
N LYS A 395 8.44 -24.48 -10.72
CA LYS A 395 9.05 -25.66 -11.33
CA LYS A 395 9.05 -25.66 -11.31
C LYS A 395 10.55 -25.62 -11.07
N TYR A 396 11.10 -26.70 -10.53
CA TYR A 396 12.55 -26.82 -10.26
C TYR A 396 12.89 -28.28 -9.96
C10 J4A B . 17.38 -14.67 13.91
C17 J4A B . 16.04 -6.53 12.72
C20 J4A B . 13.89 -5.33 10.43
C21 J4A B . 13.40 -4.44 9.48
C22 J4A B . 14.20 -4.00 8.46
C24 J4A B . 16.01 -5.32 9.34
C26 J4A B . 14.82 -5.29 14.43
C28 J4A B . 15.21 -2.85 14.68
C01 J4A B . 17.06 -9.56 14.62
C03 J4A B . 16.38 -7.75 13.17
C05 J4A B . 16.58 -10.01 12.23
C06 J4A B . 16.95 -10.49 13.53
C07 J4A B . 17.17 -11.96 13.67
C08 J4A B . 18.35 -12.50 14.12
C09 J4A B . 18.46 -13.88 14.23
C11 J4A B . 16.18 -14.14 13.50
C12 J4A B . 16.08 -12.77 13.39
C16 J4A B . 15.70 -6.73 11.37
C19 J4A B . 15.21 -5.75 10.34
C23 J4A B . 15.49 -4.43 8.40
C25 J4A B . 17.48 -9.98 15.98
C27 J4A B . 14.86 -4.11 15.35
C29 J4A B . 16.38 -2.94 13.79
C30 J4A B . 16.27 -4.08 12.82
N02 J4A B . 16.79 -8.22 14.46
N04 J4A B . 16.31 -8.63 12.15
N15 J4A B . 15.91 -8.02 11.00
N18 J4A B . 15.92 -5.36 13.45
O13 J4A B . 17.47 -16.07 14.04
O14 J4A B . 16.51 -10.66 11.23
H201 J4A B . 13.33 -5.66 11.10
H211 J4A B . 12.52 -4.14 9.55
H221 J4A B . 13.86 -3.42 7.82
H241 J4A B . 16.89 -5.62 9.27
H261 J4A B . 14.83 -6.10 14.97
H262 J4A B . 13.97 -5.26 13.95
H281 J4A B . 15.39 -2.18 15.35
H282 J4A B . 14.45 -2.57 14.15
H081 J4A B . 19.06 -11.95 14.35
H091 J4A B . 19.26 -14.26 14.52
H111 J4A B . 15.46 -14.70 13.30
H121 J4A B . 15.28 -12.39 13.12
H231 J4A B . 16.03 -4.14 7.71
H251 J4A B . 16.94 -10.72 16.28
H252 J4A B . 17.36 -9.23 16.60
H253 J4A B . 18.42 -10.23 15.97
H272 J4A B . 14.00 -4.00 15.77
H271 J4A B . 15.54 -4.27 16.03
H292 J4A B . 17.18 -3.07 14.33
H291 J4A B . 16.46 -2.11 13.30
H301 J4A B . 17.12 -4.19 12.37
H302 J4A B . 15.59 -3.86 12.17
H021 J4A B . 16.87 -7.68 15.13
H131 J4A B . 18.11 -16.24 14.56
N SAM C . 1.97 19.04 9.62
CA SAM C . 1.69 18.88 10.99
C SAM C . 2.04 20.18 11.70
O SAM C . 1.77 21.24 11.09
OXT SAM C . 2.53 20.12 12.85
CB SAM C . 2.51 17.67 11.43
CG SAM C . 1.95 16.37 10.89
SD SAM C . 0.16 15.94 11.51
CE SAM C . 0.49 15.54 13.21
C5' SAM C . 0.27 14.39 10.71
C4' SAM C . -0.96 13.52 10.78
O4' SAM C . -1.32 13.31 12.15
C3' SAM C . -2.21 14.06 10.11
O3' SAM C . -2.24 13.75 8.73
C2' SAM C . -3.32 13.36 10.88
O2' SAM C . -3.49 12.01 10.45
C1' SAM C . -2.74 13.35 12.29
N9 SAM C . -3.12 14.50 13.10
C8 SAM C . -3.52 15.75 12.69
N7 SAM C . -3.92 16.51 13.69
C5 SAM C . -3.76 15.72 14.80
C6 SAM C . -4.04 15.92 16.16
N6 SAM C . -4.54 17.08 16.65
N1 SAM C . -3.78 14.93 17.02
C2 SAM C . -3.26 13.79 16.55
N3 SAM C . -2.97 13.48 15.28
C4 SAM C . -3.25 14.49 14.46
HN1 SAM C . 2.10 18.13 9.19
HN2 SAM C . 2.00 20.03 9.39
HA SAM C . 0.64 18.67 11.22
HB1 SAM C . 2.53 17.66 12.52
HB2 SAM C . 3.54 17.83 11.12
HG1 SAM C . 2.65 15.57 11.15
HG2 SAM C . 1.98 16.43 9.80
HE1 SAM C . 1.48 15.88 13.52
HE2 SAM C . -0.24 15.98 13.88
HE3 SAM C . 0.46 14.46 13.38
H5'1 SAM C . 0.56 14.59 9.68
H5'2 SAM C . 1.13 13.88 11.14
H4' SAM C . -0.73 12.53 10.38
H3' SAM C . -2.28 15.15 10.21
H2' SAM C . -4.25 13.90 10.78
HO2' SAM C . -4.19 12.02 9.74
H1' SAM C . -3.03 12.46 12.85
H8 SAM C . -3.51 16.07 11.66
HN61 SAM C . -4.72 17.85 16.02
HN62 SAM C . -4.72 17.17 17.63
H2 SAM C . -3.07 13.02 17.29
C1 EDO D . 18.60 -10.22 22.58
O1 EDO D . 18.95 -11.60 22.67
C2 EDO D . 19.35 -9.42 23.65
O2 EDO D . 20.77 -9.43 23.46
H21 EDO D . 19.12 -9.85 24.64
H22 EDO D . 18.99 -8.40 23.64
HO2 EDO D . 21.21 -9.13 24.27
C1 EDO E . -8.71 -4.82 -20.89
O1 EDO E . -9.15 -4.15 -19.70
C2 EDO E . -7.33 -5.45 -20.66
O2 EDO E . -7.33 -6.16 -19.43
H11 EDO E . -8.66 -4.12 -21.72
H12 EDO E . -9.43 -5.60 -21.15
HO1 EDO E . -10.03 -3.76 -19.86
H21 EDO E . -6.58 -4.67 -20.65
H22 EDO E . -7.11 -6.12 -21.49
HO2 EDO E . -6.45 -6.52 -19.27
C1 EDO F . 18.23 -13.44 10.27
O1 EDO F . 18.95 -14.68 10.13
C2 EDO F . 19.14 -12.31 9.79
O2 EDO F . 19.38 -12.50 8.39
H11 EDO F . 17.95 -13.28 11.31
H12 EDO F . 17.31 -13.46 9.67
HO1 EDO F . 18.74 -15.27 10.89
H21 EDO F . 20.08 -12.32 10.34
H22 EDO F . 18.67 -11.34 9.97
HO2 EDO F . 19.98 -11.81 8.07
C1 GOL G . -15.81 6.20 -5.64
C1 GOL G . -15.84 6.15 -5.84
O1 GOL G . -16.27 6.79 -6.81
O1 GOL G . -14.51 6.63 -5.70
C2 GOL G . -15.88 4.68 -5.87
C2 GOL G . -15.84 4.62 -5.96
O2 GOL G . -15.09 4.26 -6.93
O2 GOL G . -15.01 4.15 -7.00
C3 GOL G . -15.42 4.07 -4.53
C3 GOL G . -15.39 4.12 -4.57
O3 GOL G . -15.17 2.72 -4.78
O3 GOL G . -15.17 2.74 -4.73
H11 GOL G . -16.34 6.44 -4.86
H11 GOL G . -16.26 6.52 -6.64
H12 GOL G . -14.89 6.45 -5.41
H12 GOL G . -16.40 6.41 -5.10
HO1 GOL G . -17.06 6.50 -6.94
HO1 GOL G . -14.09 6.44 -6.42
H2 GOL G . -16.78 4.40 -6.08
H2 GOL G . -16.74 4.31 -6.16
HO2 GOL G . -14.97 4.93 -7.45
HO2 GOL G . -15.12 4.63 -7.69
H31 GOL G . -16.10 4.22 -3.86
H31 GOL G . -16.07 4.33 -3.91
H32 GOL G . -14.64 4.55 -4.21
H32 GOL G . -14.60 4.60 -4.30
HO3 GOL G . -14.34 2.61 -4.79
HO3 GOL G . -14.35 2.58 -4.57
#